data_4PWG
#
_entry.id   4PWG
#
_cell.length_a   43.190
_cell.length_b   85.541
_cell.length_c   63.771
_cell.angle_alpha   90.00
_cell.angle_beta   90.00
_cell.angle_gamma   90.00
#
_symmetry.space_group_name_H-M   'P 21 21 2'
#
loop_
_entity.id
_entity.type
_entity.pdbx_description
1 polymer Transthyretin
2 non-polymer 'ethyl (2E)-3-(3,4-dihydroxyphenyl)prop-2-enoate'
3 non-polymer 'CALCIUM ION'
4 water water
#
_entity_poly.entity_id   1
_entity_poly.type   'polypeptide(L)'
_entity_poly.pdbx_seq_one_letter_code
;MRGSHHHHHHGSMASHRLLLLCLAGLVFVSEAGPTGTGESKCPLMVKVLDAVRGSPAINVAMHVFRKAADDTWEPFASGK
TSESGELHGLTTEEEFVEGIYKVEIDTKSYWKALGISPFHEHAEVVFTANDSGPRRYTIAALLSPYSYSTTAVVTNPKE
;
_entity_poly.pdbx_strand_id   A,B
#
loop_
_chem_comp.id
_chem_comp.type
_chem_comp.name
_chem_comp.formula
0XR non-polymer 'ethyl (2E)-3-(3,4-dihydroxyphenyl)prop-2-enoate' 'C11 H12 O4'
CA non-polymer 'CALCIUM ION' 'Ca 2'
#
# COMPACT_ATOMS: atom_id res chain seq x y z
N CYS A 42 -2.39 -15.37 18.77
CA CYS A 42 -2.00 -14.19 18.00
C CYS A 42 -1.99 -14.51 16.51
N PRO A 43 -3.17 -14.46 15.89
CA PRO A 43 -3.31 -14.75 14.45
C PRO A 43 -2.93 -13.58 13.55
N LEU A 44 -2.68 -12.41 14.14
CA LEU A 44 -2.27 -11.25 13.35
C LEU A 44 -1.24 -10.43 14.10
N MET A 45 -0.06 -10.31 13.52
CA MET A 45 1.01 -9.51 14.09
C MET A 45 1.58 -8.64 12.98
N VAL A 46 1.95 -7.39 13.31
CA VAL A 46 2.55 -6.50 12.34
C VAL A 46 3.91 -6.05 12.85
N LYS A 47 4.90 -6.07 11.96
CA LYS A 47 6.28 -5.72 12.31
C LYS A 47 6.73 -4.62 11.38
N VAL A 48 7.26 -3.53 11.93
CA VAL A 48 7.64 -2.38 11.13
C VAL A 48 9.12 -2.05 11.36
N LEU A 49 9.86 -1.91 10.26
CA LEU A 49 11.28 -1.57 10.31
C LEU A 49 11.59 -0.23 9.63
N ASP A 50 12.62 0.45 10.12
CA ASP A 50 13.10 1.71 9.57
C ASP A 50 14.39 1.45 8.76
N ALA A 51 14.33 1.72 7.46
CA ALA A 51 15.44 1.42 6.56
C ALA A 51 16.50 2.54 6.54
N VAL A 52 16.17 3.67 7.15
CA VAL A 52 17.09 4.81 7.21
C VAL A 52 17.99 4.68 8.43
N ARG A 53 17.42 4.21 9.54
CA ARG A 53 18.15 4.15 10.78
C ARG A 53 18.61 2.73 11.14
N GLY A 54 18.15 1.74 10.37
CA GLY A 54 18.46 0.35 10.66
C GLY A 54 17.96 -0.06 12.04
N SER A 55 16.71 0.27 12.31
CA SER A 55 16.14 0.00 13.61
C SER A 55 14.71 -0.44 13.47
N PRO A 56 14.16 -1.01 14.54
CA PRO A 56 12.72 -1.21 14.49
C PRO A 56 12.06 0.17 14.39
N ALA A 57 10.87 0.24 13.81
CA ALA A 57 10.13 1.50 13.79
C ALA A 57 9.19 1.49 14.98
N ILE A 58 9.49 2.34 15.96
CA ILE A 58 8.86 2.29 17.27
C ILE A 58 7.72 3.28 17.35
N ASN A 59 6.66 2.90 18.05
CA ASN A 59 5.55 3.80 18.31
C ASN A 59 4.86 4.21 17.01
N VAL A 60 4.77 3.28 16.07
CA VAL A 60 4.07 3.54 14.82
C VAL A 60 2.60 3.14 14.97
N ALA A 61 1.71 4.09 14.73
CA ALA A 61 0.29 3.81 14.88
C ALA A 61 -0.23 3.06 13.67
N MET A 62 -1.21 2.19 13.89
CA MET A 62 -1.92 1.57 12.77
C MET A 62 -3.35 1.22 13.13
N HIS A 63 -4.21 1.25 12.12
CA HIS A 63 -5.60 0.88 12.27
C HIS A 63 -5.91 -0.28 11.34
N VAL A 64 -6.68 -1.24 11.84
CA VAL A 64 -7.12 -2.37 11.04
C VAL A 64 -8.62 -2.25 10.77
N PHE A 65 -9.03 -2.51 9.53
CA PHE A 65 -10.43 -2.44 9.15
C PHE A 65 -10.86 -3.73 8.48
N ARG A 66 -12.16 -4.02 8.54
CA ARG A 66 -12.70 -5.22 7.93
C ARG A 66 -13.86 -4.79 7.03
N LYS A 67 -13.92 -5.34 5.82
CA LYS A 67 -14.94 -4.93 4.86
C LYS A 67 -16.30 -5.52 5.30
N ALA A 68 -17.30 -4.67 5.45
CA ALA A 68 -18.63 -5.14 5.84
C ALA A 68 -19.45 -5.58 4.62
N ALA A 69 -20.60 -6.20 4.86
CA ALA A 69 -21.43 -6.72 3.77
C ALA A 69 -21.90 -5.63 2.81
N ASP A 70 -21.93 -4.39 3.28
CA ASP A 70 -22.37 -3.26 2.46
C ASP A 70 -21.19 -2.59 1.79
N ASP A 71 -20.04 -3.29 1.78
CA ASP A 71 -18.82 -2.84 1.12
C ASP A 71 -18.11 -1.66 1.77
N THR A 72 -18.50 -1.29 2.98
CA THR A 72 -17.78 -0.24 3.70
C THR A 72 -16.68 -0.83 4.60
N TRP A 73 -15.67 -0.02 4.91
CA TRP A 73 -14.62 -0.42 5.84
C TRP A 73 -15.04 -0.16 7.27
N GLU A 74 -15.10 -1.21 8.08
CA GLU A 74 -15.48 -1.05 9.47
C GLU A 74 -14.26 -1.22 10.36
N PRO A 75 -14.10 -0.33 11.37
CA PRO A 75 -13.03 -0.46 12.37
C PRO A 75 -12.94 -1.86 12.97
N PHE A 76 -11.74 -2.43 13.00
CA PHE A 76 -11.59 -3.79 13.51
C PHE A 76 -10.67 -3.84 14.72
N ALA A 77 -9.51 -3.20 14.64
CA ALA A 77 -8.57 -3.11 15.76
C ALA A 77 -7.54 -2.02 15.52
N SER A 78 -6.82 -1.62 16.55
CA SER A 78 -5.74 -0.64 16.39
C SER A 78 -4.70 -0.73 17.51
N GLY A 79 -3.58 -0.06 17.30
CA GLY A 79 -2.48 -0.13 18.25
C GLY A 79 -1.24 0.57 17.71
N LYS A 80 -0.17 0.53 18.50
CA LYS A 80 1.12 1.12 18.15
C LYS A 80 2.23 0.09 18.32
N THR A 81 3.26 0.13 17.49
CA THR A 81 4.36 -0.82 17.60
C THR A 81 5.15 -0.60 18.90
N SER A 82 5.69 -1.69 19.43
CA SER A 82 6.48 -1.62 20.65
C SER A 82 7.94 -1.25 20.30
N GLU A 83 8.82 -1.43 21.29
CA GLU A 83 10.25 -1.15 21.14
C GLU A 83 10.91 -2.08 20.14
N SER A 84 10.32 -3.25 19.92
CA SER A 84 10.85 -4.19 18.93
C SER A 84 10.25 -3.96 17.55
N GLY A 85 9.42 -2.93 17.44
CA GLY A 85 8.77 -2.60 16.18
C GLY A 85 7.61 -3.52 15.87
N GLU A 86 7.15 -4.26 16.88
CA GLU A 86 6.07 -5.22 16.72
C GLU A 86 4.76 -4.80 17.40
N LEU A 87 3.65 -5.17 16.78
CA LEU A 87 2.34 -4.98 17.38
C LEU A 87 1.68 -6.34 17.48
N HIS A 88 1.47 -6.80 18.72
CA HIS A 88 0.84 -8.08 19.00
C HIS A 88 -0.54 -7.87 19.59
N GLY A 89 -1.36 -8.93 19.57
CA GLY A 89 -2.62 -8.95 20.29
C GLY A 89 -3.72 -8.10 19.69
N LEU A 90 -3.61 -7.83 18.40
CA LEU A 90 -4.65 -7.09 17.71
C LEU A 90 -6.00 -7.81 17.76
N THR A 91 -5.98 -9.14 17.67
CA THR A 91 -7.23 -9.90 17.58
C THR A 91 -7.09 -11.31 18.17
N THR A 92 -8.14 -12.10 18.07
CA THR A 92 -8.13 -13.48 18.59
C THR A 92 -8.58 -14.38 17.47
N GLU A 93 -8.38 -15.68 17.64
CA GLU A 93 -8.84 -16.64 16.63
C GLU A 93 -10.35 -16.60 16.43
N GLU A 94 -11.11 -16.42 17.51
CA GLU A 94 -12.57 -16.44 17.41
C GLU A 94 -13.07 -15.23 16.63
N GLU A 95 -12.44 -14.08 16.90
CA GLU A 95 -12.89 -12.80 16.35
C GLU A 95 -12.42 -12.61 14.91
N PHE A 96 -11.24 -13.16 14.59
CA PHE A 96 -10.62 -13.00 13.27
C PHE A 96 -11.21 -13.96 12.26
N VAL A 97 -12.43 -13.68 11.82
CA VAL A 97 -13.14 -14.54 10.88
C VAL A 97 -12.71 -14.26 9.44
N GLU A 98 -13.16 -15.10 8.50
CA GLU A 98 -13.01 -14.84 7.06
C GLU A 98 -13.40 -13.42 6.72
N GLY A 99 -12.71 -12.81 5.76
CA GLY A 99 -13.09 -11.49 5.31
C GLY A 99 -11.95 -10.77 4.63
N ILE A 100 -12.23 -9.56 4.15
CA ILE A 100 -11.19 -8.73 3.56
C ILE A 100 -10.81 -7.68 4.58
N TYR A 101 -9.52 -7.62 4.89
CA TYR A 101 -8.98 -6.76 5.94
C TYR A 101 -8.06 -5.71 5.36
N LYS A 102 -8.00 -4.55 5.99
CA LYS A 102 -7.08 -3.51 5.57
C LYS A 102 -6.29 -3.04 6.77
N VAL A 103 -4.96 -3.07 6.67
CA VAL A 103 -4.10 -2.49 7.70
C VAL A 103 -3.58 -1.17 7.16
N GLU A 104 -3.90 -0.07 7.85
CA GLU A 104 -3.40 1.26 7.50
C GLU A 104 -2.31 1.68 8.48
N ILE A 105 -1.07 1.72 8.01
CA ILE A 105 0.05 2.03 8.89
C ILE A 105 0.41 3.50 8.77
N ASP A 106 0.38 4.22 9.88
CA ASP A 106 0.57 5.67 9.81
C ASP A 106 2.03 6.03 9.70
N THR A 107 2.56 5.85 8.50
CA THR A 107 3.97 6.09 8.24
C THR A 107 4.30 7.58 8.23
N LYS A 108 3.33 8.40 7.81
CA LYS A 108 3.57 9.84 7.72
C LYS A 108 3.90 10.49 9.07
N SER A 109 3.09 10.23 10.10
CA SER A 109 3.38 10.71 11.46
C SER A 109 4.74 10.23 11.96
N TYR A 110 5.07 8.99 11.63
CA TYR A 110 6.36 8.43 12.03
C TYR A 110 7.51 9.29 11.51
N TRP A 111 7.52 9.55 10.20
CA TRP A 111 8.63 10.31 9.58
C TRP A 111 8.64 11.75 10.07
N LYS A 112 7.45 12.34 10.23
CA LYS A 112 7.30 13.73 10.70
C LYS A 112 8.04 13.97 12.01
N ALA A 113 7.74 13.12 12.99
CA ALA A 113 8.37 13.19 14.31
C ALA A 113 9.88 12.97 14.28
N LEU A 114 10.42 12.53 13.13
CA LEU A 114 11.87 12.43 12.96
C LEU A 114 12.42 13.60 12.15
N GLY A 115 11.54 14.51 11.76
CA GLY A 115 11.95 15.71 11.06
C GLY A 115 11.90 15.53 9.56
N ILE A 116 11.32 14.43 9.12
CA ILE A 116 11.30 14.11 7.70
C ILE A 116 9.91 14.32 7.11
N SER A 117 9.87 14.94 5.93
CA SER A 117 8.61 15.11 5.21
CA SER A 117 8.61 15.11 5.21
C SER A 117 8.51 14.03 4.13
N PRO A 118 7.74 12.96 4.41
CA PRO A 118 7.72 11.78 3.54
C PRO A 118 6.77 11.90 2.37
N PHE A 119 6.86 10.92 1.49
CA PHE A 119 6.02 10.91 0.30
C PHE A 119 4.62 10.41 0.62
N HIS A 120 4.54 9.25 1.27
CA HIS A 120 3.26 8.56 1.46
C HIS A 120 2.45 9.07 2.65
N GLU A 121 1.13 9.00 2.53
CA GLU A 121 0.26 9.35 3.65
C GLU A 121 0.29 8.22 4.66
N HIS A 122 0.27 7.00 4.15
CA HIS A 122 0.38 5.83 5.00
C HIS A 122 0.74 4.65 4.12
N ALA A 123 1.03 3.50 4.74
CA ALA A 123 1.21 2.28 3.99
C ALA A 123 -0.06 1.48 4.19
N GLU A 124 -0.58 0.91 3.12
CA GLU A 124 -1.82 0.14 3.18
C GLU A 124 -1.58 -1.30 2.77
N VAL A 125 -2.20 -2.22 3.48
CA VAL A 125 -2.08 -3.64 3.16
C VAL A 125 -3.49 -4.21 3.19
N VAL A 126 -3.99 -4.62 2.03
CA VAL A 126 -5.34 -5.15 1.95
C VAL A 126 -5.32 -6.59 1.45
N PHE A 127 -5.99 -7.47 2.18
CA PHE A 127 -5.90 -8.89 1.87
C PHE A 127 -7.11 -9.66 2.40
N THR A 128 -7.44 -10.75 1.74
CA THR A 128 -8.43 -11.70 2.22
C THR A 128 -7.77 -12.62 3.24
N ALA A 129 -8.40 -12.76 4.39
CA ALA A 129 -7.89 -13.63 5.43
C ALA A 129 -8.79 -14.85 5.66
N ASN A 130 -8.16 -15.99 5.98
CA ASN A 130 -8.84 -17.17 6.52
C ASN A 130 -9.78 -17.84 5.53
N ASP A 131 -9.56 -17.56 4.25
CA ASP A 131 -10.38 -18.05 3.17
C ASP A 131 -10.43 -19.60 3.08
N SER A 132 -9.36 -20.26 3.50
CA SER A 132 -9.32 -21.72 3.48
C SER A 132 -9.24 -22.27 4.89
N GLY A 133 -9.63 -21.47 5.87
CA GLY A 133 -9.51 -21.86 7.26
C GLY A 133 -8.51 -20.95 7.96
N PRO A 134 -8.42 -21.09 9.28
CA PRO A 134 -7.59 -20.21 10.11
C PRO A 134 -6.10 -20.27 9.73
N ARG A 135 -5.49 -19.11 9.57
CA ARG A 135 -4.07 -19.00 9.36
C ARG A 135 -3.50 -18.00 10.36
N ARG A 136 -2.18 -18.02 10.56
CA ARG A 136 -1.53 -16.95 11.30
C ARG A 136 -0.84 -16.03 10.31
N TYR A 137 -1.01 -14.72 10.47
CA TYR A 137 -0.50 -13.76 9.53
C TYR A 137 0.51 -12.85 10.19
N THR A 138 1.68 -12.75 9.59
CA THR A 138 2.65 -11.74 9.99
C THR A 138 2.82 -10.79 8.83
N ILE A 139 2.50 -9.52 9.06
CA ILE A 139 2.67 -8.47 8.06
C ILE A 139 3.93 -7.71 8.44
N ALA A 140 4.90 -7.66 7.54
CA ALA A 140 6.12 -6.92 7.78
C ALA A 140 6.14 -5.71 6.83
N ALA A 141 6.58 -4.57 7.33
CA ALA A 141 6.69 -3.36 6.53
C ALA A 141 8.05 -2.71 6.73
N LEU A 142 8.75 -2.42 5.63
CA LEU A 142 10.06 -1.77 5.68
C LEU A 142 9.91 -0.35 5.11
N LEU A 143 10.27 0.65 5.91
CA LEU A 143 9.98 2.04 5.58
C LEU A 143 11.19 2.90 5.20
N SER A 144 11.05 3.65 4.09
CA SER A 144 11.93 4.79 3.78
C SER A 144 11.05 6.01 3.48
N PRO A 145 11.65 7.21 3.52
CA PRO A 145 10.76 8.38 3.34
C PRO A 145 10.01 8.38 2.01
N TYR A 146 10.62 7.87 0.94
CA TYR A 146 9.95 7.85 -0.36
C TYR A 146 9.62 6.46 -0.89
N SER A 147 9.66 5.46 -0.01
CA SER A 147 9.51 4.07 -0.44
C SER A 147 9.05 3.22 0.71
N TYR A 148 8.31 2.15 0.42
CA TYR A 148 8.08 1.13 1.42
C TYR A 148 7.85 -0.19 0.74
N SER A 149 8.11 -1.26 1.47
CA SER A 149 7.80 -2.56 0.95
C SER A 149 7.02 -3.27 2.04
N THR A 150 6.21 -4.24 1.63
CA THR A 150 5.46 -4.99 2.60
C THR A 150 5.38 -6.42 2.13
N THR A 151 5.51 -7.34 3.07
CA THR A 151 5.47 -8.76 2.78
CA THR A 151 5.42 -8.76 2.75
C THR A 151 4.59 -9.46 3.82
N ALA A 152 4.02 -10.60 3.47
CA ALA A 152 3.25 -11.34 4.46
C ALA A 152 3.87 -12.72 4.64
N VAL A 153 3.90 -13.20 5.88
CA VAL A 153 4.26 -14.58 6.18
C VAL A 153 2.98 -15.22 6.71
N VAL A 154 2.53 -16.25 6.03
CA VAL A 154 1.29 -16.92 6.39
C VAL A 154 1.60 -18.35 6.77
N THR A 155 1.28 -18.73 8.00
CA THR A 155 1.57 -20.09 8.45
C THR A 155 0.30 -20.79 8.91
N ASN A 156 0.23 -22.10 8.68
CA ASN A 156 -0.94 -22.88 9.06
C ASN A 156 -0.89 -23.31 10.52
N PRO A 157 -1.87 -22.84 11.29
CA PRO A 157 -1.99 -23.15 12.71
C PRO A 157 -2.02 -24.65 12.95
N CYS B 42 3.06 15.33 -18.81
CA CYS B 42 2.92 14.06 -18.09
C CYS B 42 3.39 14.23 -16.65
N PRO B 43 2.55 14.83 -15.80
CA PRO B 43 2.88 15.10 -14.41
C PRO B 43 2.92 13.83 -13.55
N LEU B 44 2.29 12.76 -14.03
CA LEU B 44 2.19 11.54 -13.26
C LEU B 44 2.26 10.32 -14.16
N MET B 45 3.18 9.42 -13.84
CA MET B 45 3.32 8.18 -14.59
C MET B 45 3.50 7.03 -13.60
N VAL B 46 3.02 5.86 -13.95
CA VAL B 46 3.16 4.69 -13.10
C VAL B 46 3.89 3.58 -13.83
N LYS B 47 4.88 2.97 -13.18
CA LYS B 47 5.61 1.84 -13.75
C LYS B 47 5.51 0.63 -12.83
N VAL B 48 5.19 -0.52 -13.39
CA VAL B 48 5.01 -1.72 -12.60
C VAL B 48 5.91 -2.84 -13.12
N LEU B 49 6.60 -3.50 -12.19
CA LEU B 49 7.54 -4.57 -12.54
C LEU B 49 7.16 -5.89 -11.87
N ASP B 50 7.51 -6.99 -12.53
CA ASP B 50 7.19 -8.32 -12.05
C ASP B 50 8.48 -8.97 -11.55
N ALA B 51 8.56 -9.19 -10.23
CA ALA B 51 9.73 -9.78 -9.58
C ALA B 51 9.84 -11.31 -9.72
N VAL B 52 8.78 -11.94 -10.19
CA VAL B 52 8.80 -13.40 -10.36
C VAL B 52 9.34 -13.78 -11.74
N ARG B 53 9.03 -12.98 -12.74
CA ARG B 53 9.46 -13.30 -14.08
C ARG B 53 10.55 -12.35 -14.61
N GLY B 54 10.86 -11.32 -13.85
CA GLY B 54 11.87 -10.36 -14.27
C GLY B 54 11.49 -9.64 -15.56
N SER B 55 10.32 -9.04 -15.56
CA SER B 55 9.81 -8.38 -16.75
C SER B 55 8.92 -7.21 -16.34
N PRO B 56 8.57 -6.34 -17.31
CA PRO B 56 7.52 -5.39 -16.99
C PRO B 56 6.23 -6.13 -16.66
N ALA B 57 5.41 -5.54 -15.80
CA ALA B 57 4.08 -6.10 -15.57
C ALA B 57 3.12 -5.47 -16.56
N ILE B 58 2.65 -6.27 -17.52
CA ILE B 58 1.89 -5.76 -18.67
C ILE B 58 0.39 -5.93 -18.44
N ASN B 59 -0.40 -5.00 -18.96
CA ASN B 59 -1.87 -5.05 -18.83
C ASN B 59 -2.33 -5.07 -17.37
N VAL B 60 -1.58 -4.44 -16.49
CA VAL B 60 -2.06 -4.24 -15.12
C VAL B 60 -3.00 -3.04 -15.10
N ALA B 61 -4.23 -3.27 -14.64
CA ALA B 61 -5.19 -2.20 -14.50
C ALA B 61 -4.99 -1.40 -13.22
N MET B 62 -5.23 -0.10 -13.30
CA MET B 62 -5.21 0.70 -12.08
C MET B 62 -6.16 1.89 -12.14
N HIS B 63 -6.58 2.35 -10.97
CA HIS B 63 -7.42 3.55 -10.84
C HIS B 63 -6.75 4.55 -9.93
N VAL B 64 -6.84 5.83 -10.28
CA VAL B 64 -6.32 6.90 -9.45
C VAL B 64 -7.49 7.67 -8.87
N PHE B 65 -7.46 7.91 -7.57
CA PHE B 65 -8.54 8.62 -6.89
C PHE B 65 -8.00 9.91 -6.29
N ARG B 66 -8.86 10.90 -6.14
CA ARG B 66 -8.49 12.12 -5.43
C ARG B 66 -9.38 12.27 -4.21
N LYS B 67 -8.76 12.52 -3.07
CA LYS B 67 -9.49 12.70 -1.81
C LYS B 67 -10.40 13.91 -1.87
N ALA B 68 -11.68 13.72 -1.55
CA ALA B 68 -12.64 14.82 -1.54
C ALA B 68 -12.79 15.38 -0.13
N ALA B 69 -13.38 16.57 -0.02
CA ALA B 69 -13.50 17.29 1.25
C ALA B 69 -14.33 16.53 2.29
N ASP B 70 -15.21 15.65 1.81
CA ASP B 70 -15.99 14.79 2.69
C ASP B 70 -15.26 13.50 3.01
N ASP B 71 -13.97 13.46 2.68
CA ASP B 71 -13.10 12.31 2.94
C ASP B 71 -13.53 11.00 2.26
N THR B 72 -14.02 11.12 1.03
CA THR B 72 -14.27 9.94 0.19
C THR B 72 -13.40 10.04 -1.05
N TRP B 73 -13.19 8.93 -1.73
CA TRP B 73 -12.32 8.89 -2.90
C TRP B 73 -13.07 9.04 -4.23
N GLU B 74 -12.81 10.14 -4.94
CA GLU B 74 -13.42 10.38 -6.23
C GLU B 74 -12.47 9.85 -7.31
N PRO B 75 -12.99 8.98 -8.20
CA PRO B 75 -12.20 8.55 -9.36
C PRO B 75 -11.74 9.77 -10.12
N PHE B 76 -10.57 9.65 -10.73
N PHE B 76 -10.59 9.71 -10.78
CA PHE B 76 -9.83 10.78 -11.29
CA PHE B 76 -10.36 10.72 -11.79
C PHE B 76 -9.26 10.39 -12.66
C PHE B 76 -9.48 10.26 -12.93
N ALA B 77 -8.74 9.17 -12.74
CA ALA B 77 -8.03 8.65 -13.91
C ALA B 77 -7.84 7.15 -13.76
N SER B 78 -7.68 6.46 -14.89
CA SER B 78 -7.37 5.03 -14.88
C SER B 78 -6.81 4.55 -16.22
N GLY B 79 -6.32 3.32 -16.25
CA GLY B 79 -5.73 2.74 -17.45
C GLY B 79 -5.10 1.38 -17.20
N LYS B 80 -4.43 0.83 -18.21
CA LYS B 80 -3.72 -0.42 -18.11
C LYS B 80 -2.27 -0.21 -18.52
N THR B 81 -1.33 -0.85 -17.82
CA THR B 81 0.08 -0.71 -18.19
C THR B 81 0.37 -1.21 -19.61
N SER B 82 1.33 -0.57 -20.28
CA SER B 82 1.70 -0.95 -21.64
C SER B 82 2.66 -2.14 -21.62
N GLU B 83 3.23 -2.46 -22.78
CA GLU B 83 4.22 -3.54 -22.90
C GLU B 83 5.52 -3.23 -22.16
N SER B 84 5.73 -1.97 -21.83
CA SER B 84 6.91 -1.59 -21.05
C SER B 84 6.55 -1.50 -19.58
N GLY B 85 5.32 -1.87 -19.25
CA GLY B 85 4.83 -1.84 -17.89
C GLY B 85 4.54 -0.45 -17.38
N GLU B 86 4.36 0.50 -18.30
CA GLU B 86 4.18 1.90 -17.95
C GLU B 86 2.78 2.39 -18.26
N LEU B 87 2.27 3.29 -17.44
CA LEU B 87 1.00 3.93 -17.72
C LEU B 87 1.22 5.45 -17.75
N HIS B 88 1.11 6.02 -18.94
CA HIS B 88 1.33 7.45 -19.19
C HIS B 88 0.00 8.19 -19.46
N GLY B 89 0.04 9.51 -19.39
CA GLY B 89 -1.09 10.32 -19.79
C GLY B 89 -2.29 10.20 -18.87
N LEU B 90 -2.04 9.95 -17.59
CA LEU B 90 -3.12 9.85 -16.63
C LEU B 90 -3.78 11.21 -16.40
N THR B 91 -2.97 12.27 -16.38
CA THR B 91 -3.53 13.59 -16.08
C THR B 91 -2.71 14.70 -16.74
N THR B 92 -3.14 15.93 -16.54
CA THR B 92 -2.43 17.09 -17.09
C THR B 92 -2.02 17.96 -15.91
N GLU B 93 -1.09 18.89 -16.13
CA GLU B 93 -0.62 19.66 -14.99
C GLU B 93 -1.64 20.67 -14.50
N GLU B 94 -2.53 21.11 -15.38
CA GLU B 94 -3.63 21.98 -14.97
C GLU B 94 -4.56 21.24 -14.00
N GLU B 95 -4.81 19.97 -14.31
CA GLU B 95 -5.76 19.15 -13.56
C GLU B 95 -5.14 18.58 -12.29
N PHE B 96 -3.83 18.41 -12.30
CA PHE B 96 -3.13 17.75 -11.20
C PHE B 96 -2.75 18.73 -10.10
N VAL B 97 -3.75 19.20 -9.37
CA VAL B 97 -3.57 20.18 -8.31
C VAL B 97 -3.20 19.51 -6.98
N GLU B 98 -2.71 20.30 -6.04
CA GLU B 98 -2.32 19.78 -4.73
C GLU B 98 -3.48 19.04 -4.10
N GLY B 99 -3.17 18.00 -3.33
CA GLY B 99 -4.19 17.21 -2.67
C GLY B 99 -3.68 15.82 -2.38
N ILE B 100 -4.55 14.97 -1.85
CA ILE B 100 -4.17 13.61 -1.53
C ILE B 100 -4.68 12.70 -2.63
N TYR B 101 -3.82 11.83 -3.10
CA TYR B 101 -4.16 10.93 -4.19
C TYR B 101 -3.91 9.50 -3.80
N LYS B 102 -4.73 8.61 -4.35
CA LYS B 102 -4.58 7.18 -4.15
C LYS B 102 -4.52 6.49 -5.50
N VAL B 103 -3.45 5.73 -5.72
CA VAL B 103 -3.35 4.86 -6.87
C VAL B 103 -3.60 3.44 -6.42
N GLU B 104 -4.59 2.79 -7.02
CA GLU B 104 -4.99 1.44 -6.64
C GLU B 104 -4.71 0.50 -7.79
N ILE B 105 -3.71 -0.35 -7.62
CA ILE B 105 -3.22 -1.21 -8.69
C ILE B 105 -3.80 -2.61 -8.53
N ASP B 106 -4.48 -3.11 -9.55
CA ASP B 106 -5.12 -4.43 -9.42
C ASP B 106 -4.11 -5.56 -9.60
N THR B 107 -3.32 -5.79 -8.55
CA THR B 107 -2.28 -6.82 -8.57
C THR B 107 -2.87 -8.22 -8.51
N LYS B 108 -4.02 -8.34 -7.87
CA LYS B 108 -4.63 -9.65 -7.71
C LYS B 108 -5.05 -10.26 -9.06
N SER B 109 -5.67 -9.46 -9.93
CA SER B 109 -6.06 -9.97 -11.24
C SER B 109 -4.84 -10.34 -12.09
N TYR B 110 -3.75 -9.60 -11.90
CA TYR B 110 -2.52 -9.86 -12.62
C TYR B 110 -1.95 -11.24 -12.27
N TRP B 111 -1.89 -11.55 -10.98
CA TRP B 111 -1.36 -12.86 -10.57
C TRP B 111 -2.33 -14.00 -10.88
N LYS B 112 -3.63 -13.75 -10.79
CA LYS B 112 -4.62 -14.76 -11.17
C LYS B 112 -4.45 -15.21 -12.63
N ALA B 113 -4.18 -14.26 -13.51
CA ALA B 113 -3.98 -14.54 -14.92
C ALA B 113 -2.72 -15.37 -15.16
N LEU B 114 -1.78 -15.32 -14.23
CA LEU B 114 -0.55 -16.09 -14.35
C LEU B 114 -0.65 -17.42 -13.60
N GLY B 115 -1.79 -17.64 -12.94
CA GLY B 115 -2.01 -18.89 -12.23
C GLY B 115 -1.34 -18.95 -10.88
N ILE B 116 -1.07 -17.80 -10.29
CA ILE B 116 -0.33 -17.74 -9.02
C ILE B 116 -1.18 -17.10 -7.93
N SER B 117 -1.27 -17.77 -6.78
CA SER B 117 -2.17 -17.33 -5.73
C SER B 117 -1.55 -16.17 -4.94
N PRO B 118 -2.16 -14.97 -5.04
CA PRO B 118 -1.57 -13.78 -4.45
C PRO B 118 -2.09 -13.47 -3.05
N PHE B 119 -1.31 -12.73 -2.27
CA PHE B 119 -1.75 -12.33 -0.94
C PHE B 119 -2.66 -11.10 -0.94
N HIS B 120 -2.26 -10.09 -1.70
CA HIS B 120 -2.94 -8.79 -1.66
C HIS B 120 -4.15 -8.69 -2.57
N GLU B 121 -5.12 -7.89 -2.15
CA GLU B 121 -6.29 -7.62 -2.97
C GLU B 121 -5.86 -6.69 -4.09
N HIS B 122 -4.98 -5.76 -3.75
CA HIS B 122 -4.40 -4.81 -4.69
C HIS B 122 -3.25 -4.11 -3.99
N ALA B 123 -2.56 -3.27 -4.74
CA ALA B 123 -1.51 -2.47 -4.14
C ALA B 123 -1.98 -1.02 -4.15
N GLU B 124 -1.91 -0.37 -2.99
CA GLU B 124 -2.36 1.01 -2.88
C GLU B 124 -1.19 1.93 -2.61
N VAL B 125 -1.07 3.01 -3.36
CA VAL B 125 -0.09 4.03 -3.04
C VAL B 125 -0.83 5.33 -2.75
N VAL B 126 -0.78 5.79 -1.50
CA VAL B 126 -1.49 7.01 -1.13
C VAL B 126 -0.50 8.10 -0.75
N PHE B 127 -0.58 9.23 -1.45
CA PHE B 127 0.37 10.31 -1.24
C PHE B 127 -0.26 11.69 -1.38
N THR B 128 0.41 12.69 -0.82
CA THR B 128 0.07 14.10 -1.07
C THR B 128 0.90 14.66 -2.20
N ALA B 129 0.23 15.26 -3.19
CA ALA B 129 0.92 16.01 -4.23
C ALA B 129 1.12 17.44 -3.74
N ASN B 130 2.37 17.89 -3.80
CA ASN B 130 2.75 19.18 -3.24
C ASN B 130 3.59 20.03 -4.20
N ASP B 131 3.16 21.27 -4.43
CA ASP B 131 3.89 22.17 -5.33
C ASP B 131 5.22 22.63 -4.73
N SER B 132 6.28 22.61 -5.54
CA SER B 132 7.66 22.70 -5.05
C SER B 132 8.70 23.67 -5.68
N GLY B 133 8.59 24.10 -6.95
CA GLY B 133 7.46 23.91 -7.83
C GLY B 133 7.57 22.85 -8.91
N PRO B 134 8.37 23.11 -9.96
CA PRO B 134 8.40 22.23 -11.14
C PRO B 134 8.73 20.78 -10.78
N ARG B 135 7.73 19.89 -10.86
CA ARG B 135 7.94 18.51 -10.45
C ARG B 135 7.10 17.49 -11.25
N ARG B 136 7.74 16.37 -11.61
CA ARG B 136 7.05 15.24 -12.23
C ARG B 136 7.12 14.04 -11.27
N TYR B 137 6.07 13.24 -11.22
CA TYR B 137 6.01 12.10 -10.32
C TYR B 137 6.04 10.79 -11.10
N THR B 138 6.98 9.92 -10.75
CA THR B 138 6.94 8.54 -11.21
C THR B 138 6.76 7.63 -10.00
N ILE B 139 5.71 6.81 -10.05
CA ILE B 139 5.40 5.85 -9.02
C ILE B 139 5.77 4.49 -9.57
N ALA B 140 6.72 3.82 -8.94
CA ALA B 140 7.11 2.51 -9.40
C ALA B 140 6.63 1.47 -8.40
N ALA B 141 6.10 0.36 -8.91
CA ALA B 141 5.75 -0.75 -8.06
C ALA B 141 6.44 -2.01 -8.54
N LEU B 142 6.97 -2.78 -7.60
CA LEU B 142 7.64 -4.05 -7.88
C LEU B 142 6.82 -5.15 -7.21
N LEU B 143 6.30 -6.09 -7.99
CA LEU B 143 5.33 -7.03 -7.44
C LEU B 143 5.84 -8.46 -7.31
N SER B 144 5.54 -9.07 -6.18
CA SER B 144 5.70 -10.50 -5.95
C SER B 144 4.36 -11.02 -5.42
N PRO B 145 4.14 -12.35 -5.44
CA PRO B 145 2.81 -12.82 -4.99
C PRO B 145 2.43 -12.43 -3.56
N TYR B 146 3.41 -12.44 -2.65
CA TYR B 146 3.17 -12.14 -1.24
C TYR B 146 3.89 -10.91 -0.74
N SER B 147 4.31 -10.05 -1.67
CA SER B 147 5.06 -8.88 -1.30
C SER B 147 4.94 -7.83 -2.40
N TYR B 148 4.99 -6.56 -1.99
CA TYR B 148 5.19 -5.51 -2.98
C TYR B 148 5.97 -4.34 -2.38
N SER B 149 6.63 -3.59 -3.25
CA SER B 149 7.40 -2.44 -2.85
C SER B 149 7.04 -1.33 -3.82
N THR B 150 7.04 -0.10 -3.35
CA THR B 150 6.71 1.01 -4.22
C THR B 150 7.58 2.17 -3.82
N THR B 151 7.96 2.97 -4.80
CA THR B 151 8.84 4.10 -4.56
CA THR B 151 8.81 4.11 -4.53
C THR B 151 8.38 5.24 -5.44
N ALA B 152 8.64 6.46 -5.03
CA ALA B 152 8.34 7.60 -5.87
C ALA B 152 9.66 8.23 -6.29
N VAL B 153 9.75 8.54 -7.58
CA VAL B 153 10.85 9.33 -8.10
C VAL B 153 10.26 10.66 -8.48
N VAL B 154 10.70 11.72 -7.82
CA VAL B 154 10.14 13.05 -8.04
C VAL B 154 11.23 13.97 -8.59
N THR B 155 11.04 14.44 -9.82
CA THR B 155 12.10 15.20 -10.50
C THR B 155 11.63 16.54 -11.04
N ASN B 156 12.54 17.22 -11.73
CA ASN B 156 12.30 18.55 -12.27
C ASN B 156 12.93 18.69 -13.65
C5' 0XR C . 8.69 -11.11 10.28
C4' 0XR C . 9.74 -10.58 9.30
O2' 0XR C . 10.74 -9.85 10.03
C3' 0XR C . 11.56 -9.08 9.25
O1' 0XR C . 12.67 -8.68 9.62
C2' 0XR C . 11.04 -8.68 7.86
C1' 0XR C . 12.05 -7.80 7.10
C1 0XR C . 11.75 -7.36 5.81
C2 0XR C . 10.49 -6.89 5.41
C6 0XR C . 12.80 -7.36 4.89
C5 0XR C . 12.61 -6.93 3.59
C4 0XR C . 11.37 -6.48 3.20
O4 0XR C . 11.15 -6.04 1.92
C3 0XR C . 10.30 -6.45 4.10
O3 0XR C . 9.10 -6.00 3.63
CA CA D . 2.20 -12.74 18.46
C5' 0XR E . 13.44 0.31 -14.76
C4' 0XR E . 12.86 1.38 -13.83
O2' 0XR E . 12.94 0.96 -12.46
C3' 0XR E . 12.20 1.78 -11.66
O1' 0XR E . 11.78 2.89 -11.99
C2' 0XR E . 11.92 1.24 -10.25
C1' 0XR E . 12.49 -0.14 -9.95
C1 0XR E . 12.22 -0.63 -8.68
C2 0XR E . 11.17 -0.13 -7.92
C6 0XR E . 13.04 -1.64 -8.17
C5 0XR E . 12.81 -2.15 -6.89
C4 0XR E . 11.76 -1.66 -6.15
O4 0XR E . 11.49 -2.12 -4.89
C3 0XR E . 10.93 -0.65 -6.64
O3 0XR E . 9.92 -0.21 -5.84
#